data_2ERI
#
_entry.id   2ERI
#
_entity_poly.entity_id   1
_entity_poly.type   'polypeptide(L)'
_entity_poly.pdbx_seq_one_letter_code
;CGESCVFIPCISTLLGCSCKNKVCYRNGVIP
;
_entity_poly.pdbx_strand_id   A
#
# COMPACT_ATOMS: atom_id res chain seq x y z
N CYS A 1 -0.23 0.35 5.80
CA CYS A 1 -0.82 1.67 5.63
C CYS A 1 -2.31 1.60 5.94
N GLY A 2 -2.85 0.39 5.83
CA GLY A 2 -4.27 0.21 6.06
C GLY A 2 -5.01 0.22 4.74
N GLU A 3 -4.24 0.46 3.68
CA GLU A 3 -4.79 0.50 2.33
C GLU A 3 -4.81 -0.89 1.73
N SER A 4 -5.65 -1.06 0.72
CA SER A 4 -5.76 -2.32 0.02
C SER A 4 -5.74 -2.05 -1.47
N CYS A 5 -4.84 -2.71 -2.15
CA CYS A 5 -4.72 -2.56 -3.58
C CYS A 5 -5.34 -3.76 -4.26
N VAL A 6 -6.39 -4.25 -3.62
CA VAL A 6 -7.11 -5.40 -4.11
C VAL A 6 -7.81 -5.09 -5.43
N PHE A 7 -8.41 -3.91 -5.50
CA PHE A 7 -9.11 -3.49 -6.70
C PHE A 7 -8.37 -2.36 -7.40
N ILE A 8 -7.84 -1.43 -6.62
CA ILE A 8 -7.12 -0.29 -7.16
C ILE A 8 -5.83 -0.04 -6.40
N PRO A 9 -4.85 0.54 -7.06
CA PRO A 9 -3.53 0.86 -6.49
C PRO A 9 -3.64 1.82 -5.31
N CYS A 10 -2.69 1.71 -4.38
CA CYS A 10 -2.67 2.55 -3.18
C CYS A 10 -2.71 4.03 -3.53
N ILE A 11 -3.36 4.79 -2.66
CA ILE A 11 -3.48 6.22 -2.83
C ILE A 11 -2.29 6.93 -2.20
N SER A 12 -1.87 6.44 -1.05
CA SER A 12 -0.73 7.01 -0.35
C SER A 12 0.59 6.48 -0.91
N THR A 13 0.62 6.35 -2.23
CA THR A 13 1.81 5.89 -2.93
C THR A 13 2.87 6.97 -2.80
N LEU A 14 2.38 8.20 -2.65
CA LEU A 14 3.21 9.37 -2.49
C LEU A 14 4.04 9.28 -1.21
N LEU A 15 3.41 8.76 -0.16
CA LEU A 15 4.07 8.60 1.13
C LEU A 15 5.07 7.45 1.04
N GLY A 16 4.65 6.39 0.36
CA GLY A 16 5.51 5.24 0.19
C GLY A 16 4.76 3.93 0.31
N CYS A 17 3.43 4.00 0.28
CA CYS A 17 2.61 2.81 0.38
C CYS A 17 2.64 2.04 -0.93
N SER A 18 3.37 0.94 -0.91
CA SER A 18 3.52 0.09 -2.07
C SER A 18 2.56 -1.09 -2.01
N CYS A 19 2.03 -1.47 -3.16
CA CYS A 19 1.09 -2.59 -3.25
C CYS A 19 1.84 -3.91 -3.05
N LYS A 20 1.52 -4.62 -1.98
CA LYS A 20 2.18 -5.89 -1.71
C LYS A 20 1.19 -6.91 -1.17
N ASN A 21 1.08 -8.04 -1.87
CA ASN A 21 0.16 -9.11 -1.49
C ASN A 21 -1.28 -8.58 -1.49
N LYS A 22 -1.52 -7.65 -2.42
CA LYS A 22 -2.83 -7.00 -2.58
C LYS A 22 -3.15 -6.07 -1.41
N VAL A 23 -2.18 -5.87 -0.53
CA VAL A 23 -2.32 -4.98 0.61
C VAL A 23 -1.27 -3.89 0.49
N CYS A 24 -1.59 -2.68 0.89
CA CYS A 24 -0.65 -1.58 0.78
C CYS A 24 0.16 -1.36 2.05
N TYR A 25 1.48 -1.32 1.91
CA TYR A 25 2.38 -1.09 3.04
C TYR A 25 3.40 -0.03 2.68
N ARG A 26 3.82 0.72 3.68
CA ARG A 26 4.82 1.76 3.51
C ARG A 26 6.10 1.34 4.20
N ASN A 27 7.21 1.93 3.78
CA ASN A 27 8.52 1.63 4.35
C ASN A 27 8.81 0.12 4.26
N GLY A 28 8.36 -0.48 3.18
CA GLY A 28 8.60 -1.89 2.96
C GLY A 28 7.53 -2.81 3.54
N VAL A 29 7.33 -2.76 4.85
CA VAL A 29 6.35 -3.65 5.49
C VAL A 29 5.54 -2.99 6.59
N ILE A 30 5.23 -1.71 6.44
CA ILE A 30 4.43 -1.01 7.44
C ILE A 30 3.01 -0.87 6.90
N PRO A 31 2.04 -1.59 7.48
CA PRO A 31 0.65 -1.55 7.02
C PRO A 31 0.06 -0.14 7.00
N CYS A 1 -0.16 0.58 5.68
CA CYS A 1 -0.73 1.89 5.40
C CYS A 1 -2.22 1.88 5.72
N GLY A 2 -2.79 0.69 5.68
CA GLY A 2 -4.21 0.53 5.93
C GLY A 2 -4.95 0.46 4.62
N GLU A 3 -4.20 0.62 3.54
CA GLU A 3 -4.74 0.58 2.19
C GLU A 3 -4.74 -0.84 1.66
N SER A 4 -5.49 -1.03 0.59
CA SER A 4 -5.57 -2.30 -0.09
C SER A 4 -5.68 -2.05 -1.57
N CYS A 5 -4.80 -2.66 -2.33
CA CYS A 5 -4.81 -2.48 -3.77
C CYS A 5 -5.37 -3.72 -4.42
N VAL A 6 -6.31 -4.33 -3.73
CA VAL A 6 -6.97 -5.53 -4.21
C VAL A 6 -7.71 -5.23 -5.51
N PHE A 7 -8.40 -4.10 -5.54
CA PHE A 7 -9.16 -3.69 -6.72
C PHE A 7 -8.46 -2.54 -7.43
N ILE A 8 -7.96 -1.58 -6.66
CA ILE A 8 -7.27 -0.42 -7.22
C ILE A 8 -6.00 -0.10 -6.45
N PRO A 9 -5.03 0.48 -7.14
CA PRO A 9 -3.72 0.85 -6.56
C PRO A 9 -3.82 1.81 -5.38
N CYS A 10 -2.81 1.77 -4.52
CA CYS A 10 -2.75 2.61 -3.33
C CYS A 10 -2.76 4.09 -3.70
N ILE A 11 -3.39 4.89 -2.86
CA ILE A 11 -3.47 6.31 -3.07
C ILE A 11 -2.34 7.01 -2.30
N SER A 12 -2.01 6.48 -1.13
CA SER A 12 -0.96 7.02 -0.30
C SER A 12 0.42 6.66 -0.84
N THR A 13 0.59 6.79 -2.15
CA THR A 13 1.87 6.51 -2.79
C THR A 13 2.89 7.50 -2.27
N LEU A 14 2.37 8.65 -1.86
CA LEU A 14 3.15 9.74 -1.31
C LEU A 14 3.91 9.29 -0.06
N LEU A 15 3.28 8.44 0.73
CA LEU A 15 3.89 7.93 1.96
C LEU A 15 4.68 6.65 1.67
N GLY A 16 4.97 6.42 0.40
CA GLY A 16 5.73 5.25 0.00
C GLY A 16 4.95 3.95 0.13
N CYS A 17 3.62 4.02 -0.02
CA CYS A 17 2.79 2.83 0.06
C CYS A 17 2.81 2.08 -1.25
N SER A 18 3.10 0.79 -1.19
CA SER A 18 3.19 -0.04 -2.37
C SER A 18 2.42 -1.35 -2.15
N CYS A 19 1.99 -1.96 -3.25
CA CYS A 19 1.25 -3.21 -3.20
C CYS A 19 2.07 -4.34 -2.60
N LYS A 20 1.58 -4.87 -1.50
CA LYS A 20 2.23 -5.98 -0.83
C LYS A 20 1.20 -7.03 -0.48
N ASN A 21 1.17 -8.09 -1.30
CA ASN A 21 0.20 -9.18 -1.14
C ASN A 21 -1.20 -8.62 -1.29
N LYS A 22 -1.30 -7.62 -2.18
CA LYS A 22 -2.55 -6.92 -2.49
C LYS A 22 -2.88 -5.86 -1.45
N VAL A 23 -2.24 -5.93 -0.30
CA VAL A 23 -2.45 -4.94 0.73
C VAL A 23 -1.37 -3.88 0.59
N CYS A 24 -1.70 -2.63 0.82
CA CYS A 24 -0.73 -1.57 0.66
C CYS A 24 0.08 -1.30 1.94
N TYR A 25 1.40 -1.38 1.80
CA TYR A 25 2.31 -1.11 2.91
C TYR A 25 3.38 -0.13 2.45
N ARG A 26 3.85 0.65 3.38
CA ARG A 26 4.89 1.64 3.11
C ARG A 26 6.17 1.24 3.82
N ASN A 27 7.29 1.79 3.37
CA ASN A 27 8.59 1.50 3.97
C ASN A 27 8.88 0.00 3.96
N GLY A 28 8.39 -0.68 2.94
CA GLY A 28 8.62 -2.10 2.82
C GLY A 28 7.49 -2.95 3.38
N VAL A 29 7.25 -2.87 4.68
CA VAL A 29 6.20 -3.67 5.32
C VAL A 29 5.46 -2.91 6.43
N ILE A 30 5.22 -1.63 6.23
CA ILE A 30 4.50 -0.83 7.21
C ILE A 30 3.05 -0.66 6.74
N PRO A 31 2.10 -1.28 7.44
CA PRO A 31 0.68 -1.22 7.07
C PRO A 31 0.14 0.20 6.92
N CYS A 1 -0.15 0.34 5.70
CA CYS A 1 -0.69 1.69 5.58
C CYS A 1 -2.17 1.68 5.95
N GLY A 2 -2.78 0.51 5.80
CA GLY A 2 -4.19 0.38 6.07
C GLY A 2 -4.96 0.36 4.76
N GLU A 3 -4.22 0.56 3.69
CA GLU A 3 -4.77 0.56 2.35
C GLU A 3 -4.83 -0.84 1.78
N SER A 4 -5.64 -1.00 0.77
CA SER A 4 -5.78 -2.27 0.09
C SER A 4 -5.77 -2.03 -1.41
N CYS A 5 -4.86 -2.69 -2.07
CA CYS A 5 -4.73 -2.56 -3.51
C CYS A 5 -5.27 -3.79 -4.19
N VAL A 6 -6.29 -4.34 -3.56
CA VAL A 6 -6.95 -5.53 -4.05
C VAL A 6 -7.55 -5.27 -5.43
N PHE A 7 -8.20 -4.13 -5.58
CA PHE A 7 -8.83 -3.77 -6.84
C PHE A 7 -8.12 -2.58 -7.49
N ILE A 8 -7.74 -1.62 -6.67
CA ILE A 8 -7.08 -0.41 -7.16
C ILE A 8 -5.79 -0.13 -6.41
N PRO A 9 -4.85 0.52 -7.09
CA PRO A 9 -3.54 0.90 -6.53
C PRO A 9 -3.67 1.84 -5.34
N CYS A 10 -2.70 1.74 -4.43
CA CYS A 10 -2.67 2.56 -3.23
C CYS A 10 -2.68 4.05 -3.55
N ILE A 11 -3.33 4.82 -2.70
CA ILE A 11 -3.42 6.26 -2.87
C ILE A 11 -2.24 6.93 -2.18
N SER A 12 -1.84 6.38 -1.04
CA SER A 12 -0.72 6.89 -0.27
C SER A 12 0.62 6.48 -0.89
N THR A 13 0.66 6.46 -2.21
CA THR A 13 1.86 6.14 -2.94
C THR A 13 2.84 7.28 -2.77
N LEU A 14 2.28 8.45 -2.52
CA LEU A 14 3.03 9.68 -2.31
C LEU A 14 3.89 9.55 -1.06
N LEU A 15 3.34 8.96 -0.01
CA LEU A 15 4.05 8.76 1.23
C LEU A 15 5.07 7.64 1.06
N GLY A 16 4.64 6.57 0.41
CA GLY A 16 5.52 5.45 0.17
C GLY A 16 4.82 4.12 0.36
N CYS A 17 3.52 4.08 0.09
CA CYS A 17 2.76 2.85 0.24
C CYS A 17 2.80 2.06 -1.06
N SER A 18 3.38 0.87 -0.99
CA SER A 18 3.50 0.00 -2.14
C SER A 18 2.50 -1.14 -2.07
N CYS A 19 2.03 -1.58 -3.22
CA CYS A 19 1.07 -2.66 -3.31
C CYS A 19 1.76 -4.01 -3.11
N LYS A 20 1.46 -4.68 -2.01
CA LYS A 20 2.06 -5.97 -1.73
C LYS A 20 1.03 -6.94 -1.15
N ASN A 21 0.90 -8.10 -1.79
CA ASN A 21 -0.04 -9.13 -1.35
C ASN A 21 -1.47 -8.57 -1.33
N LYS A 22 -1.74 -7.66 -2.28
CA LYS A 22 -3.04 -7.00 -2.40
C LYS A 22 -3.29 -5.99 -1.28
N VAL A 23 -2.31 -5.85 -0.39
CA VAL A 23 -2.39 -4.92 0.72
C VAL A 23 -1.32 -3.85 0.53
N CYS A 24 -1.60 -2.63 0.95
CA CYS A 24 -0.65 -1.55 0.79
C CYS A 24 0.16 -1.32 2.06
N TYR A 25 1.50 -1.33 1.93
CA TYR A 25 2.39 -1.10 3.06
C TYR A 25 3.38 0.00 2.71
N ARG A 26 3.86 0.70 3.71
CA ARG A 26 4.82 1.77 3.53
C ARG A 26 6.13 1.43 4.22
N ASN A 27 7.22 1.95 3.67
CA ASN A 27 8.56 1.72 4.21
C ASN A 27 8.89 0.23 4.24
N GLY A 28 8.40 -0.49 3.26
CA GLY A 28 8.66 -1.91 3.18
C GLY A 28 7.46 -2.76 3.52
N VAL A 29 7.27 -3.08 4.80
CA VAL A 29 6.15 -3.91 5.21
C VAL A 29 5.33 -3.30 6.34
N ILE A 30 5.21 -1.97 6.37
CA ILE A 30 4.41 -1.32 7.38
C ILE A 30 3.02 -1.08 6.83
N PRO A 31 2.00 -1.78 7.34
CA PRO A 31 0.63 -1.65 6.85
C PRO A 31 0.10 -0.21 6.88
N CYS A 1 -0.32 0.59 5.67
CA CYS A 1 -0.88 1.91 5.40
C CYS A 1 -2.36 1.90 5.69
N GLY A 2 -2.93 0.69 5.73
CA GLY A 2 -4.34 0.52 5.95
C GLY A 2 -5.06 0.41 4.62
N GLU A 3 -4.31 0.68 3.56
CA GLU A 3 -4.82 0.62 2.21
C GLU A 3 -4.68 -0.78 1.63
N SER A 4 -5.34 -1.00 0.51
CA SER A 4 -5.27 -2.27 -0.19
C SER A 4 -5.47 -2.02 -1.65
N CYS A 5 -4.61 -2.60 -2.47
CA CYS A 5 -4.71 -2.44 -3.90
C CYS A 5 -5.32 -3.68 -4.51
N VAL A 6 -6.21 -4.28 -3.73
CA VAL A 6 -6.90 -5.48 -4.15
C VAL A 6 -7.75 -5.19 -5.38
N PHE A 7 -8.44 -4.05 -5.37
CA PHE A 7 -9.27 -3.63 -6.48
C PHE A 7 -8.67 -2.43 -7.21
N ILE A 8 -8.15 -1.48 -6.42
CA ILE A 8 -7.55 -0.28 -6.97
C ILE A 8 -6.23 0.04 -6.29
N PRO A 9 -5.33 0.70 -7.02
CA PRO A 9 -3.99 1.08 -6.54
C PRO A 9 -4.03 1.94 -5.28
N CYS A 10 -2.94 1.88 -4.51
CA CYS A 10 -2.82 2.63 -3.26
C CYS A 10 -2.93 4.14 -3.51
N ILE A 11 -3.43 4.83 -2.51
CA ILE A 11 -3.60 6.27 -2.58
C ILE A 11 -2.40 6.98 -1.98
N SER A 12 -1.98 6.50 -0.81
CA SER A 12 -0.83 7.06 -0.12
C SER A 12 0.47 6.56 -0.74
N THR A 13 0.52 6.55 -2.06
CA THR A 13 1.72 6.13 -2.79
C THR A 13 2.85 7.08 -2.45
N LEU A 14 2.45 8.29 -2.08
CA LEU A 14 3.36 9.35 -1.69
C LEU A 14 4.21 8.93 -0.50
N LEU A 15 3.59 8.19 0.43
CA LEU A 15 4.29 7.72 1.62
C LEU A 15 4.92 6.36 1.38
N GLY A 16 5.12 6.03 0.10
CA GLY A 16 5.73 4.77 -0.26
C GLY A 16 4.84 3.56 -0.06
N CYS A 17 3.52 3.77 -0.08
CA CYS A 17 2.59 2.65 0.07
C CYS A 17 2.55 1.86 -1.22
N SER A 18 3.09 0.65 -1.18
CA SER A 18 3.15 -0.21 -2.35
C SER A 18 2.29 -1.46 -2.18
N CYS A 19 2.03 -2.13 -3.30
CA CYS A 19 1.23 -3.35 -3.33
C CYS A 19 1.95 -4.53 -2.70
N LYS A 20 1.92 -4.61 -1.39
CA LYS A 20 2.55 -5.72 -0.69
C LYS A 20 1.52 -6.81 -0.44
N ASN A 21 1.58 -7.85 -1.26
CA ASN A 21 0.62 -8.97 -1.19
C ASN A 21 -0.77 -8.41 -1.51
N LYS A 22 -0.77 -7.43 -2.41
CA LYS A 22 -2.00 -6.74 -2.85
C LYS A 22 -2.52 -5.78 -1.78
N VAL A 23 -1.87 -5.77 -0.63
CA VAL A 23 -2.25 -4.87 0.44
C VAL A 23 -1.24 -3.72 0.44
N CYS A 24 -1.67 -2.52 0.74
CA CYS A 24 -0.77 -1.39 0.67
C CYS A 24 0.00 -1.15 1.97
N TYR A 25 1.32 -1.27 1.87
CA TYR A 25 2.22 -1.03 3.00
C TYR A 25 3.27 -0.03 2.59
N ARG A 26 3.76 0.72 3.54
CA ARG A 26 4.76 1.74 3.29
C ARG A 26 6.07 1.35 3.95
N ASN A 27 7.17 1.90 3.43
CA ASN A 27 8.50 1.65 3.96
C ASN A 27 8.82 0.15 4.00
N GLY A 28 8.31 -0.57 3.02
CA GLY A 28 8.56 -1.99 2.94
C GLY A 28 7.44 -2.87 3.47
N VAL A 29 7.14 -2.77 4.76
CA VAL A 29 6.10 -3.60 5.36
C VAL A 29 5.31 -2.89 6.48
N ILE A 30 5.05 -1.61 6.31
CA ILE A 30 4.26 -0.87 7.30
C ILE A 30 2.85 -0.70 6.79
N PRO A 31 1.87 -1.31 7.46
CA PRO A 31 0.46 -1.25 7.04
C PRO A 31 -0.09 0.17 6.91
N CYS A 1 -0.32 0.38 5.63
CA CYS A 1 -0.90 1.69 5.39
C CYS A 1 -2.38 1.67 5.73
N GLY A 2 -2.95 0.48 5.64
CA GLY A 2 -4.37 0.30 5.88
C GLY A 2 -5.10 0.24 4.56
N GLU A 3 -4.32 0.51 3.51
CA GLU A 3 -4.82 0.50 2.15
C GLU A 3 -4.71 -0.90 1.55
N SER A 4 -5.38 -1.10 0.43
CA SER A 4 -5.34 -2.36 -0.29
C SER A 4 -5.44 -2.06 -1.76
N CYS A 5 -4.58 -2.68 -2.53
CA CYS A 5 -4.59 -2.47 -3.97
C CYS A 5 -5.20 -3.66 -4.66
N VAL A 6 -6.11 -4.28 -3.94
CA VAL A 6 -6.82 -5.45 -4.44
C VAL A 6 -7.75 -5.06 -5.59
N PHE A 7 -8.38 -3.90 -5.46
CA PHE A 7 -9.29 -3.40 -6.47
C PHE A 7 -8.72 -2.16 -7.17
N ILE A 8 -8.09 -1.31 -6.39
CA ILE A 8 -7.50 -0.08 -6.90
C ILE A 8 -6.15 0.19 -6.26
N PRO A 9 -5.27 0.87 -6.99
CA PRO A 9 -3.91 1.21 -6.54
C PRO A 9 -3.90 2.01 -5.24
N CYS A 10 -2.80 1.91 -4.51
CA CYS A 10 -2.64 2.60 -3.24
C CYS A 10 -2.80 4.11 -3.39
N ILE A 11 -3.25 4.74 -2.33
CA ILE A 11 -3.46 6.18 -2.32
C ILE A 11 -2.22 6.88 -1.77
N SER A 12 -1.75 6.42 -0.62
CA SER A 12 -0.57 7.00 0.02
C SER A 12 0.71 6.53 -0.66
N THR A 13 0.65 6.42 -1.98
CA THR A 13 1.80 6.02 -2.77
C THR A 13 2.83 7.15 -2.69
N LEU A 14 2.30 8.34 -2.46
CA LEU A 14 3.09 9.55 -2.32
C LEU A 14 4.01 9.44 -1.11
N LEU A 15 3.50 8.85 -0.04
CA LEU A 15 4.27 8.67 1.19
C LEU A 15 5.24 7.51 1.00
N GLY A 16 4.73 6.41 0.47
CA GLY A 16 5.58 5.26 0.23
C GLY A 16 4.81 3.95 0.30
N CYS A 17 3.51 3.99 0.06
CA CYS A 17 2.70 2.79 0.09
C CYS A 17 2.75 2.07 -1.25
N SER A 18 2.99 0.78 -1.21
CA SER A 18 3.09 -0.03 -2.41
C SER A 18 2.38 -1.36 -2.21
N CYS A 19 2.04 -2.01 -3.32
CA CYS A 19 1.35 -3.29 -3.27
C CYS A 19 2.17 -4.37 -2.59
N LYS A 20 1.70 -4.82 -1.45
CA LYS A 20 2.36 -5.85 -0.70
C LYS A 20 1.35 -6.91 -0.29
N ASN A 21 1.40 -8.05 -0.99
CA ASN A 21 0.47 -9.15 -0.74
C ASN A 21 -0.95 -8.68 -1.04
N LYS A 22 -1.05 -7.76 -2.02
CA LYS A 22 -2.32 -7.16 -2.47
C LYS A 22 -2.73 -6.01 -1.56
N VAL A 23 -2.18 -5.99 -0.36
CA VAL A 23 -2.46 -4.95 0.60
C VAL A 23 -1.40 -3.86 0.46
N CYS A 24 -1.75 -2.62 0.73
CA CYS A 24 -0.79 -1.54 0.57
C CYS A 24 0.01 -1.28 1.85
N TYR A 25 1.33 -1.39 1.76
CA TYR A 25 2.23 -1.14 2.88
C TYR A 25 3.25 -0.10 2.49
N ARG A 26 3.72 0.62 3.47
CA ARG A 26 4.71 1.66 3.28
C ARG A 26 6.00 1.27 3.99
N ASN A 27 7.12 1.84 3.54
CA ASN A 27 8.42 1.56 4.12
C ASN A 27 8.72 0.06 4.09
N GLY A 28 8.31 -0.58 3.01
CA GLY A 28 8.56 -2.00 2.84
C GLY A 28 7.48 -2.90 3.44
N VAL A 29 7.28 -2.83 4.75
CA VAL A 29 6.29 -3.69 5.40
C VAL A 29 5.51 -2.98 6.52
N ILE A 30 5.11 -1.75 6.28
CA ILE A 30 4.32 -1.01 7.27
C ILE A 30 2.90 -0.86 6.75
N PRO A 31 1.93 -1.51 7.39
CA PRO A 31 0.53 -1.46 6.97
C PRO A 31 -0.03 -0.05 6.86
N CYS A 1 -0.20 0.61 5.58
CA CYS A 1 -0.80 1.91 5.35
C CYS A 1 -2.30 1.86 5.65
N GLY A 2 -2.83 0.64 5.60
CA GLY A 2 -4.25 0.45 5.83
C GLY A 2 -4.99 0.36 4.53
N GLU A 3 -4.24 0.59 3.46
CA GLU A 3 -4.78 0.55 2.11
C GLU A 3 -4.73 -0.87 1.55
N SER A 4 -5.46 -1.09 0.48
CA SER A 4 -5.48 -2.37 -0.19
C SER A 4 -5.60 -2.11 -1.68
N CYS A 5 -4.72 -2.70 -2.44
CA CYS A 5 -4.74 -2.52 -3.88
C CYS A 5 -5.31 -3.74 -4.56
N VAL A 6 -6.22 -4.38 -3.84
CA VAL A 6 -6.89 -5.56 -4.33
C VAL A 6 -7.77 -5.21 -5.54
N PHE A 7 -8.40 -4.04 -5.48
CA PHE A 7 -9.27 -3.58 -6.55
C PHE A 7 -8.66 -2.37 -7.26
N ILE A 8 -8.07 -1.47 -6.49
CA ILE A 8 -7.45 -0.27 -7.03
C ILE A 8 -6.14 0.03 -6.33
N PRO A 9 -5.21 0.65 -7.06
CA PRO A 9 -3.87 1.01 -6.55
C PRO A 9 -3.93 1.95 -5.35
N CYS A 10 -2.90 1.87 -4.51
CA CYS A 10 -2.82 2.69 -3.30
C CYS A 10 -2.79 4.18 -3.66
N ILE A 11 -3.41 4.98 -2.82
CA ILE A 11 -3.46 6.42 -3.00
C ILE A 11 -2.31 7.08 -2.26
N SER A 12 -1.99 6.52 -1.10
CA SER A 12 -0.91 7.02 -0.26
C SER A 12 0.46 6.65 -0.83
N THR A 13 0.62 6.78 -2.14
CA THR A 13 1.88 6.49 -2.80
C THR A 13 2.92 7.47 -2.30
N LEU A 14 2.42 8.62 -1.87
CA LEU A 14 3.23 9.70 -1.32
C LEU A 14 4.01 9.23 -0.10
N LEU A 15 3.36 8.41 0.73
CA LEU A 15 3.99 7.89 1.94
C LEU A 15 4.74 6.59 1.64
N GLY A 16 4.99 6.35 0.36
CA GLY A 16 5.71 5.16 -0.05
C GLY A 16 4.88 3.89 0.04
N CYS A 17 3.56 4.02 -0.05
CA CYS A 17 2.67 2.86 0.02
C CYS A 17 2.63 2.17 -1.33
N SER A 18 2.85 0.86 -1.33
CA SER A 18 2.85 0.09 -2.56
C SER A 18 2.17 -1.26 -2.33
N CYS A 19 1.87 -1.93 -3.44
CA CYS A 19 1.21 -3.23 -3.39
C CYS A 19 2.09 -4.29 -2.75
N LYS A 20 1.69 -4.75 -1.58
CA LYS A 20 2.43 -5.76 -0.86
C LYS A 20 1.46 -6.82 -0.36
N ASN A 21 1.46 -7.97 -1.03
CA ASN A 21 0.56 -9.08 -0.70
C ASN A 21 -0.89 -8.64 -0.95
N LYS A 22 -1.05 -7.77 -1.95
CA LYS A 22 -2.36 -7.22 -2.37
C LYS A 22 -2.77 -6.05 -1.46
N VAL A 23 -2.18 -6.01 -0.29
CA VAL A 23 -2.45 -4.95 0.66
C VAL A 23 -1.39 -3.86 0.49
N CYS A 24 -1.74 -2.62 0.76
CA CYS A 24 -0.77 -1.54 0.58
C CYS A 24 0.03 -1.26 1.85
N TYR A 25 1.34 -1.39 1.74
CA TYR A 25 2.25 -1.11 2.85
C TYR A 25 3.31 -0.14 2.38
N ARG A 26 3.86 0.58 3.33
CA ARG A 26 4.92 1.54 3.04
C ARG A 26 6.17 1.13 3.79
N ASN A 27 7.32 1.61 3.32
CA ASN A 27 8.60 1.27 3.95
C ASN A 27 8.82 -0.24 3.96
N GLY A 28 8.30 -0.91 2.95
CA GLY A 28 8.46 -2.35 2.83
C GLY A 28 7.48 -3.16 3.66
N VAL A 29 7.34 -2.85 4.95
CA VAL A 29 6.44 -3.62 5.81
C VAL A 29 5.66 -2.76 6.81
N ILE A 30 5.22 -1.58 6.40
CA ILE A 30 4.45 -0.73 7.28
C ILE A 30 3.04 -0.60 6.72
N PRO A 31 2.06 -1.24 7.36
CA PRO A 31 0.67 -1.22 6.91
C PRO A 31 0.08 0.19 6.81
N CYS A 1 -0.19 0.51 5.69
CA CYS A 1 -0.76 1.85 5.50
C CYS A 1 -2.24 1.81 5.83
N GLY A 2 -2.80 0.61 5.79
CA GLY A 2 -4.21 0.43 6.07
C GLY A 2 -4.99 0.40 4.77
N GLU A 3 -4.26 0.63 3.68
CA GLU A 3 -4.85 0.63 2.35
C GLU A 3 -4.86 -0.76 1.76
N SER A 4 -5.66 -0.93 0.73
CA SER A 4 -5.75 -2.20 0.04
C SER A 4 -5.73 -1.96 -1.46
N CYS A 5 -4.84 -2.64 -2.13
CA CYS A 5 -4.70 -2.52 -3.56
C CYS A 5 -5.23 -3.75 -4.23
N VAL A 6 -6.24 -4.32 -3.59
CA VAL A 6 -6.88 -5.51 -4.07
C VAL A 6 -7.51 -5.29 -5.43
N PHE A 7 -8.19 -4.16 -5.57
CA PHE A 7 -8.84 -3.81 -6.83
C PHE A 7 -8.14 -2.66 -7.53
N ILE A 8 -7.73 -1.67 -6.75
CA ILE A 8 -7.08 -0.49 -7.29
C ILE A 8 -5.78 -0.18 -6.54
N PRO A 9 -4.86 0.49 -7.23
CA PRO A 9 -3.56 0.87 -6.68
C PRO A 9 -3.68 1.76 -5.45
N CYS A 10 -2.67 1.70 -4.58
CA CYS A 10 -2.63 2.50 -3.36
C CYS A 10 -2.76 3.99 -3.63
N ILE A 11 -3.30 4.70 -2.65
CA ILE A 11 -3.48 6.13 -2.74
C ILE A 11 -2.31 6.85 -2.08
N SER A 12 -1.94 6.39 -0.90
CA SER A 12 -0.85 6.96 -0.14
C SER A 12 0.50 6.53 -0.71
N THR A 13 0.60 6.53 -2.04
CA THR A 13 1.82 6.18 -2.72
C THR A 13 2.88 7.22 -2.38
N LEU A 14 2.37 8.39 -2.01
CA LEU A 14 3.21 9.52 -1.61
C LEU A 14 4.03 9.16 -0.36
N LEU A 15 3.42 8.39 0.53
CA LEU A 15 4.10 7.95 1.76
C LEU A 15 4.83 6.64 1.53
N GLY A 16 5.00 6.29 0.26
CA GLY A 16 5.69 5.07 -0.11
C GLY A 16 4.86 3.82 0.06
N CYS A 17 3.53 3.94 -0.01
CA CYS A 17 2.67 2.78 0.11
C CYS A 17 2.63 2.02 -1.22
N SER A 18 3.20 0.83 -1.20
CA SER A 18 3.26 0.00 -2.39
C SER A 18 2.31 -1.18 -2.27
N CYS A 19 1.87 -1.68 -3.41
CA CYS A 19 0.97 -2.82 -3.46
C CYS A 19 1.72 -4.09 -3.06
N LYS A 20 1.44 -4.60 -1.87
CA LYS A 20 2.11 -5.79 -1.39
C LYS A 20 1.12 -6.82 -0.88
N ASN A 21 1.03 -7.94 -1.58
CA ASN A 21 0.11 -9.03 -1.23
C ASN A 21 -1.33 -8.51 -1.26
N LYS A 22 -1.57 -7.60 -2.21
CA LYS A 22 -2.89 -6.97 -2.39
C LYS A 22 -3.17 -5.93 -1.30
N VAL A 23 -2.30 -5.84 -0.31
CA VAL A 23 -2.45 -4.87 0.76
C VAL A 23 -1.40 -3.78 0.57
N CYS A 24 -1.73 -2.56 0.93
CA CYS A 24 -0.80 -1.46 0.75
C CYS A 24 0.05 -1.21 2.00
N TYR A 25 1.37 -1.30 1.83
CA TYR A 25 2.31 -1.04 2.93
C TYR A 25 3.35 -0.04 2.47
N ARG A 26 3.83 0.73 3.42
CA ARG A 26 4.85 1.72 3.15
C ARG A 26 6.12 1.36 3.91
N ASN A 27 7.22 1.97 3.53
CA ASN A 27 8.50 1.73 4.19
C ASN A 27 8.89 0.26 4.12
N GLY A 28 8.41 -0.44 3.10
CA GLY A 28 8.72 -1.84 2.94
C GLY A 28 7.62 -2.77 3.41
N VAL A 29 7.33 -2.75 4.71
CA VAL A 29 6.30 -3.64 5.27
C VAL A 29 5.50 -2.96 6.38
N ILE A 30 5.23 -1.67 6.23
CA ILE A 30 4.45 -0.94 7.23
C ILE A 30 3.02 -0.78 6.72
N PRO A 31 2.05 -1.43 7.37
CA PRO A 31 0.65 -1.37 6.96
C PRO A 31 0.09 0.04 6.90
N CYS A 1 -0.24 0.58 5.60
CA CYS A 1 -0.82 1.91 5.40
C CYS A 1 -2.30 1.87 5.76
N GLY A 2 -2.89 0.70 5.61
CA GLY A 2 -4.30 0.52 5.87
C GLY A 2 -5.04 0.42 4.57
N GLU A 3 -4.31 0.66 3.49
CA GLU A 3 -4.84 0.61 2.13
C GLU A 3 -4.74 -0.80 1.56
N SER A 4 -5.36 -1.00 0.41
CA SER A 4 -5.32 -2.28 -0.28
C SER A 4 -5.40 -2.01 -1.76
N CYS A 5 -4.57 -2.68 -2.52
CA CYS A 5 -4.57 -2.50 -3.97
C CYS A 5 -5.16 -3.71 -4.63
N VAL A 6 -6.08 -4.33 -3.89
CA VAL A 6 -6.77 -5.51 -4.36
C VAL A 6 -7.69 -5.16 -5.54
N PHE A 7 -8.32 -4.00 -5.46
CA PHE A 7 -9.23 -3.55 -6.51
C PHE A 7 -8.63 -2.35 -7.24
N ILE A 8 -8.03 -1.45 -6.48
CA ILE A 8 -7.41 -0.25 -7.05
C ILE A 8 -6.09 0.05 -6.37
N PRO A 9 -5.18 0.71 -7.10
CA PRO A 9 -3.85 1.09 -6.61
C PRO A 9 -3.89 1.95 -5.35
N CYS A 10 -2.80 1.90 -4.59
CA CYS A 10 -2.68 2.66 -3.36
C CYS A 10 -2.82 4.15 -3.60
N ILE A 11 -3.34 4.84 -2.61
CA ILE A 11 -3.52 6.28 -2.68
C ILE A 11 -2.37 7.00 -2.01
N SER A 12 -2.01 6.52 -0.84
CA SER A 12 -0.91 7.10 -0.07
C SER A 12 0.44 6.64 -0.63
N THR A 13 0.53 6.59 -1.95
CA THR A 13 1.76 6.20 -2.62
C THR A 13 2.83 7.24 -2.30
N LEU A 14 2.35 8.42 -1.95
CA LEU A 14 3.19 9.54 -1.57
C LEU A 14 4.01 9.19 -0.32
N LEU A 15 3.42 8.39 0.56
CA LEU A 15 4.09 7.96 1.78
C LEU A 15 4.77 6.61 1.58
N GLY A 16 5.06 6.29 0.33
CA GLY A 16 5.72 5.05 -0.01
C GLY A 16 4.84 3.82 0.09
N CYS A 17 3.53 3.98 -0.06
CA CYS A 17 2.62 2.84 0.00
C CYS A 17 2.59 2.14 -1.36
N SER A 18 2.75 0.83 -1.34
CA SER A 18 2.76 0.04 -2.57
C SER A 18 2.12 -1.32 -2.34
N CYS A 19 1.87 -2.03 -3.42
CA CYS A 19 1.26 -3.35 -3.36
C CYS A 19 2.14 -4.36 -2.62
N LYS A 20 1.73 -4.68 -1.41
CA LYS A 20 2.44 -5.63 -0.58
C LYS A 20 1.47 -6.72 -0.12
N ASN A 21 1.51 -7.85 -0.82
CA ASN A 21 0.63 -8.98 -0.54
C ASN A 21 -0.81 -8.56 -0.86
N LYS A 22 -0.92 -7.70 -1.89
CA LYS A 22 -2.19 -7.15 -2.38
C LYS A 22 -2.67 -6.00 -1.50
N VAL A 23 -2.14 -5.94 -0.29
CA VAL A 23 -2.47 -4.88 0.64
C VAL A 23 -1.43 -3.77 0.49
N CYS A 24 -1.80 -2.54 0.74
CA CYS A 24 -0.86 -1.44 0.57
C CYS A 24 -0.05 -1.17 1.83
N TYR A 25 1.26 -1.36 1.73
CA TYR A 25 2.17 -1.09 2.83
C TYR A 25 3.21 -0.09 2.38
N ARG A 26 3.77 0.60 3.34
CA ARG A 26 4.79 1.59 3.09
C ARG A 26 6.08 1.16 3.76
N ASN A 27 7.22 1.65 3.28
CA ASN A 27 8.51 1.30 3.85
C ASN A 27 8.74 -0.22 3.82
N GLY A 28 8.22 -0.86 2.79
CA GLY A 28 8.39 -2.30 2.63
C GLY A 28 7.42 -3.14 3.44
N VAL A 29 7.28 -2.87 4.74
CA VAL A 29 6.39 -3.67 5.58
C VAL A 29 5.65 -2.85 6.65
N ILE A 30 5.18 -1.68 6.27
CA ILE A 30 4.42 -0.84 7.21
C ILE A 30 3.01 -0.68 6.68
N PRO A 31 2.03 -1.34 7.31
CA PRO A 31 0.63 -1.28 6.88
C PRO A 31 0.07 0.13 6.81
N CYS A 1 -0.19 0.32 5.81
CA CYS A 1 -0.74 1.65 5.62
C CYS A 1 -2.22 1.64 5.96
N GLY A 2 -2.81 0.46 5.85
CA GLY A 2 -4.23 0.29 6.11
C GLY A 2 -4.98 0.29 4.81
N GLU A 3 -4.25 0.51 3.73
CA GLU A 3 -4.81 0.54 2.40
C GLU A 3 -4.84 -0.86 1.79
N SER A 4 -5.65 -1.01 0.76
CA SER A 4 -5.78 -2.26 0.06
C SER A 4 -5.73 -2.01 -1.43
N CYS A 5 -4.84 -2.70 -2.09
CA CYS A 5 -4.69 -2.57 -3.52
C CYS A 5 -5.24 -3.82 -4.20
N VAL A 6 -6.30 -4.33 -3.58
CA VAL A 6 -6.96 -5.52 -4.07
C VAL A 6 -7.59 -5.27 -5.44
N PHE A 7 -8.21 -4.11 -5.58
CA PHE A 7 -8.85 -3.74 -6.84
C PHE A 7 -8.12 -2.58 -7.51
N ILE A 8 -7.70 -1.62 -6.71
CA ILE A 8 -7.01 -0.44 -7.20
C ILE A 8 -5.75 -0.16 -6.42
N PRO A 9 -4.77 0.46 -7.08
CA PRO A 9 -3.47 0.81 -6.48
C PRO A 9 -3.61 1.75 -5.30
N CYS A 10 -2.65 1.68 -4.38
CA CYS A 10 -2.63 2.51 -3.17
C CYS A 10 -2.72 3.99 -3.50
N ILE A 11 -3.34 4.73 -2.60
CA ILE A 11 -3.50 6.16 -2.74
C ILE A 11 -2.32 6.88 -2.13
N SER A 12 -1.84 6.38 -1.00
CA SER A 12 -0.71 6.98 -0.31
C SER A 12 0.60 6.54 -0.96
N THR A 13 0.61 6.48 -2.28
CA THR A 13 1.80 6.14 -3.02
C THR A 13 2.79 7.28 -2.91
N LEU A 14 2.23 8.45 -2.66
CA LEU A 14 2.99 9.68 -2.48
C LEU A 14 3.87 9.58 -1.24
N LEU A 15 3.32 9.00 -0.18
CA LEU A 15 4.04 8.84 1.07
C LEU A 15 5.06 7.71 0.91
N GLY A 16 4.61 6.61 0.32
CA GLY A 16 5.49 5.48 0.10
C GLY A 16 4.81 4.15 0.33
N CYS A 17 3.50 4.10 0.13
CA CYS A 17 2.76 2.87 0.30
C CYS A 17 2.81 2.04 -0.97
N SER A 18 3.48 0.90 -0.87
CA SER A 18 3.65 -0.01 -1.99
C SER A 18 2.65 -1.16 -1.90
N CYS A 19 2.12 -1.54 -3.05
CA CYS A 19 1.15 -2.63 -3.13
C CYS A 19 1.85 -3.96 -2.85
N LYS A 20 1.44 -4.64 -1.80
CA LYS A 20 2.06 -5.91 -1.44
C LYS A 20 1.00 -6.93 -1.06
N ASN A 21 0.90 -7.99 -1.87
CA ASN A 21 -0.09 -9.05 -1.63
C ASN A 21 -1.50 -8.46 -1.64
N LYS A 22 -1.65 -7.41 -2.45
CA LYS A 22 -2.91 -6.68 -2.59
C LYS A 22 -3.24 -5.86 -1.34
N VAL A 23 -2.25 -5.72 -0.48
CA VAL A 23 -2.37 -4.92 0.73
C VAL A 23 -1.30 -3.83 0.66
N CYS A 24 -1.64 -2.62 1.00
CA CYS A 24 -0.68 -1.54 0.89
C CYS A 24 0.14 -1.35 2.17
N TYR A 25 1.46 -1.35 2.01
CA TYR A 25 2.38 -1.13 3.12
C TYR A 25 3.42 -0.10 2.73
N ARG A 26 3.87 0.65 3.72
CA ARG A 26 4.88 1.67 3.50
C ARG A 26 6.17 1.29 4.18
N ASN A 27 7.27 1.83 3.66
CA ASN A 27 8.61 1.56 4.21
C ASN A 27 8.91 0.06 4.18
N GLY A 28 8.38 -0.62 3.16
CA GLY A 28 8.62 -2.03 3.03
C GLY A 28 7.41 -2.88 3.35
N VAL A 29 7.13 -3.04 4.64
CA VAL A 29 6.00 -3.87 5.08
C VAL A 29 5.22 -3.26 6.24
N ILE A 30 5.16 -1.94 6.31
CA ILE A 30 4.41 -1.27 7.37
C ILE A 30 2.98 -1.05 6.88
N PRO A 31 2.00 -1.71 7.49
CA PRO A 31 0.60 -1.60 7.09
C PRO A 31 0.06 -0.16 7.03
N CYS A 1 -0.33 0.42 5.69
CA CYS A 1 -0.90 1.74 5.46
C CYS A 1 -2.38 1.72 5.80
N GLY A 2 -2.95 0.53 5.69
CA GLY A 2 -4.37 0.38 5.92
C GLY A 2 -5.10 0.31 4.60
N GLU A 3 -4.33 0.56 3.55
CA GLU A 3 -4.82 0.53 2.19
C GLU A 3 -4.75 -0.87 1.61
N SER A 4 -5.44 -1.07 0.51
CA SER A 4 -5.44 -2.35 -0.18
C SER A 4 -5.56 -2.10 -1.66
N CYS A 5 -4.65 -2.68 -2.41
CA CYS A 5 -4.67 -2.52 -3.85
C CYS A 5 -5.27 -3.76 -4.48
N VAL A 6 -6.24 -4.30 -3.76
CA VAL A 6 -6.94 -5.49 -4.21
C VAL A 6 -7.70 -5.20 -5.50
N PHE A 7 -8.35 -4.06 -5.54
CA PHE A 7 -9.11 -3.64 -6.72
C PHE A 7 -8.49 -2.39 -7.34
N ILE A 8 -8.06 -1.47 -6.50
CA ILE A 8 -7.47 -0.22 -6.96
C ILE A 8 -6.13 0.02 -6.28
N PRO A 9 -5.22 0.70 -6.99
CA PRO A 9 -3.87 1.02 -6.50
C PRO A 9 -3.87 1.84 -5.22
N CYS A 10 -2.74 1.79 -4.50
CA CYS A 10 -2.58 2.51 -3.24
C CYS A 10 -2.72 4.02 -3.46
N ILE A 11 -3.10 4.72 -2.40
CA ILE A 11 -3.27 6.16 -2.47
C ILE A 11 -2.07 6.89 -1.88
N SER A 12 -1.65 6.45 -0.70
CA SER A 12 -0.52 7.07 -0.03
C SER A 12 0.80 6.61 -0.64
N THR A 13 0.84 6.53 -1.96
CA THR A 13 2.06 6.15 -2.66
C THR A 13 3.08 7.26 -2.48
N LEU A 14 2.55 8.45 -2.22
CA LEU A 14 3.34 9.65 -2.00
C LEU A 14 4.24 9.44 -0.77
N LEU A 15 3.67 8.83 0.25
CA LEU A 15 4.40 8.54 1.49
C LEU A 15 5.32 7.34 1.25
N GLY A 16 4.78 6.34 0.57
CA GLY A 16 5.57 5.16 0.26
C GLY A 16 4.74 3.88 0.27
N CYS A 17 3.43 4.01 0.14
CA CYS A 17 2.57 2.83 0.13
C CYS A 17 2.61 2.15 -1.23
N SER A 18 2.90 0.86 -1.21
CA SER A 18 3.00 0.07 -2.42
C SER A 18 2.38 -1.29 -2.19
N CYS A 19 1.92 -1.92 -3.27
CA CYS A 19 1.30 -3.23 -3.19
C CYS A 19 2.18 -4.29 -2.53
N LYS A 20 1.66 -4.86 -1.45
CA LYS A 20 2.33 -5.92 -0.71
C LYS A 20 1.31 -6.94 -0.29
N ASN A 21 1.35 -8.08 -0.98
CA ASN A 21 0.41 -9.17 -0.74
C ASN A 21 -1.01 -8.68 -1.06
N LYS A 22 -1.07 -7.80 -2.07
CA LYS A 22 -2.33 -7.18 -2.53
C LYS A 22 -2.78 -6.06 -1.60
N VAL A 23 -2.22 -6.05 -0.40
CA VAL A 23 -2.52 -5.01 0.58
C VAL A 23 -1.48 -3.91 0.41
N CYS A 24 -1.80 -2.69 0.78
CA CYS A 24 -0.83 -1.61 0.60
C CYS A 24 -0.05 -1.32 1.89
N TYR A 25 1.27 -1.39 1.78
CA TYR A 25 2.17 -1.11 2.90
C TYR A 25 3.18 -0.06 2.48
N ARG A 26 3.68 0.68 3.45
CA ARG A 26 4.66 1.73 3.20
C ARG A 26 5.98 1.41 3.88
N ASN A 27 7.05 1.98 3.35
CA ASN A 27 8.40 1.79 3.88
C ASN A 27 8.77 0.31 3.87
N GLY A 28 8.27 -0.41 2.87
CA GLY A 28 8.59 -1.81 2.75
C GLY A 28 7.45 -2.73 3.14
N VAL A 29 7.09 -2.73 4.41
CA VAL A 29 6.02 -3.61 4.88
C VAL A 29 5.27 -3.02 6.09
N ILE A 30 5.05 -1.71 6.07
CA ILE A 30 4.31 -1.05 7.14
C ILE A 30 2.87 -0.87 6.70
N PRO A 31 1.92 -1.51 7.38
CA PRO A 31 0.50 -1.44 7.02
C PRO A 31 -0.05 -0.02 6.92
N CYS A 1 -0.32 0.43 5.78
CA CYS A 1 -0.93 1.71 5.49
C CYS A 1 -2.43 1.65 5.81
N GLY A 2 -2.96 0.43 5.74
CA GLY A 2 -4.37 0.23 5.96
C GLY A 2 -5.10 0.17 4.65
N GLU A 3 -4.32 0.46 3.60
CA GLU A 3 -4.82 0.46 2.24
C GLU A 3 -4.70 -0.92 1.62
N SER A 4 -5.38 -1.12 0.50
CA SER A 4 -5.32 -2.36 -0.23
C SER A 4 -5.45 -2.04 -1.70
N CYS A 5 -4.61 -2.66 -2.50
CA CYS A 5 -4.63 -2.42 -3.92
C CYS A 5 -5.24 -3.62 -4.63
N VAL A 6 -6.13 -4.27 -3.92
CA VAL A 6 -6.83 -5.44 -4.43
C VAL A 6 -7.74 -5.04 -5.60
N PHE A 7 -8.37 -3.88 -5.47
CA PHE A 7 -9.26 -3.38 -6.50
C PHE A 7 -8.67 -2.16 -7.20
N ILE A 8 -8.04 -1.29 -6.42
CA ILE A 8 -7.44 -0.07 -6.94
C ILE A 8 -6.11 0.21 -6.25
N PRO A 9 -5.21 0.88 -6.96
CA PRO A 9 -3.87 1.23 -6.47
C PRO A 9 -3.91 2.07 -5.20
N CYS A 10 -2.85 1.95 -4.39
CA CYS A 10 -2.75 2.69 -3.13
C CYS A 10 -2.85 4.19 -3.34
N ILE A 11 -3.39 4.86 -2.36
CA ILE A 11 -3.55 6.30 -2.40
C ILE A 11 -2.32 6.99 -1.82
N SER A 12 -1.80 6.43 -0.73
CA SER A 12 -0.61 6.99 -0.10
C SER A 12 0.66 6.48 -0.79
N THR A 13 0.58 6.41 -2.11
CA THR A 13 1.72 6.00 -2.92
C THR A 13 2.78 7.08 -2.84
N LEU A 14 2.29 8.29 -2.61
CA LEU A 14 3.12 9.48 -2.47
C LEU A 14 4.03 9.36 -1.25
N LEU A 15 3.49 8.81 -0.17
CA LEU A 15 4.23 8.63 1.06
C LEU A 15 5.21 7.48 0.91
N GLY A 16 4.71 6.37 0.39
CA GLY A 16 5.55 5.21 0.19
C GLY A 16 4.79 3.90 0.28
N CYS A 17 3.48 3.95 0.11
CA CYS A 17 2.66 2.75 0.17
C CYS A 17 2.64 2.07 -1.19
N SER A 18 2.89 0.78 -1.20
CA SER A 18 2.91 0.03 -2.45
C SER A 18 2.20 -1.32 -2.28
N CYS A 19 1.95 -1.98 -3.40
CA CYS A 19 1.27 -3.27 -3.42
C CYS A 19 2.12 -4.35 -2.77
N LYS A 20 1.81 -4.68 -1.54
CA LYS A 20 2.53 -5.71 -0.82
C LYS A 20 1.55 -6.82 -0.44
N ASN A 21 1.60 -7.90 -1.21
CA ASN A 21 0.71 -9.04 -1.02
C ASN A 21 -0.74 -8.58 -1.25
N LYS A 22 -0.88 -7.67 -2.22
CA LYS A 22 -2.19 -7.10 -2.60
C LYS A 22 -2.63 -6.00 -1.63
N VAL A 23 -2.02 -5.99 -0.47
CA VAL A 23 -2.33 -4.98 0.54
C VAL A 23 -1.30 -3.86 0.46
N CYS A 24 -1.69 -2.66 0.76
CA CYS A 24 -0.77 -1.53 0.66
C CYS A 24 0.01 -1.30 1.95
N TYR A 25 1.34 -1.39 1.86
CA TYR A 25 2.21 -1.14 2.99
C TYR A 25 3.26 -0.13 2.58
N ARG A 26 3.76 0.59 3.56
CA ARG A 26 4.78 1.60 3.32
C ARG A 26 6.08 1.16 3.96
N ASN A 27 7.19 1.57 3.37
CA ASN A 27 8.53 1.21 3.86
C ASN A 27 8.68 -0.31 3.89
N GLY A 28 8.10 -0.96 2.89
CA GLY A 28 8.18 -2.41 2.78
C GLY A 28 7.25 -3.19 3.69
N VAL A 29 7.20 -2.85 4.98
CA VAL A 29 6.35 -3.61 5.91
C VAL A 29 5.58 -2.76 6.91
N ILE A 30 5.13 -1.59 6.53
CA ILE A 30 4.34 -0.77 7.44
C ILE A 30 2.92 -0.68 6.91
N PRO A 31 1.96 -1.33 7.59
CA PRO A 31 0.57 -1.35 7.17
C PRO A 31 -0.05 0.04 7.01
N CYS A 1 0.10 0.55 5.84
CA CYS A 1 -0.17 1.97 5.74
C CYS A 1 -1.67 2.25 5.68
N GLY A 2 -2.46 1.24 5.99
CA GLY A 2 -3.90 1.38 5.99
C GLY A 2 -4.47 1.52 4.59
N GLU A 3 -3.89 0.78 3.65
CA GLU A 3 -4.32 0.82 2.26
C GLU A 3 -4.41 -0.59 1.71
N SER A 4 -5.06 -0.71 0.58
CA SER A 4 -5.20 -1.99 -0.10
C SER A 4 -5.38 -1.75 -1.59
N CYS A 5 -4.53 -2.40 -2.37
CA CYS A 5 -4.59 -2.27 -3.81
C CYS A 5 -5.18 -3.53 -4.40
N VAL A 6 -6.13 -4.07 -3.66
CA VAL A 6 -6.83 -5.28 -4.06
C VAL A 6 -7.61 -5.06 -5.35
N PHE A 7 -8.31 -3.94 -5.42
CA PHE A 7 -9.10 -3.60 -6.61
C PHE A 7 -8.39 -2.54 -7.44
N ILE A 8 -7.86 -1.53 -6.77
CA ILE A 8 -7.16 -0.44 -7.43
C ILE A 8 -5.91 -0.07 -6.66
N PRO A 9 -4.93 0.52 -7.36
CA PRO A 9 -3.66 0.95 -6.77
C PRO A 9 -3.84 1.87 -5.57
N CYS A 10 -2.89 1.80 -4.64
CA CYS A 10 -2.92 2.61 -3.43
C CYS A 10 -2.95 4.10 -3.77
N ILE A 11 -3.65 4.87 -2.94
CA ILE A 11 -3.74 6.31 -3.14
C ILE A 11 -2.59 6.99 -2.40
N SER A 12 -2.29 6.48 -1.22
CA SER A 12 -1.21 7.02 -0.40
C SER A 12 0.16 6.58 -0.93
N THR A 13 0.31 6.59 -2.24
CA THR A 13 1.56 6.24 -2.87
C THR A 13 2.57 7.34 -2.55
N LEU A 14 2.02 8.51 -2.27
CA LEU A 14 2.80 9.68 -1.91
C LEU A 14 3.59 9.44 -0.63
N LEU A 15 2.95 8.77 0.33
CA LEU A 15 3.59 8.44 1.60
C LEU A 15 4.58 7.29 1.38
N GLY A 16 4.14 6.32 0.61
CA GLY A 16 4.98 5.18 0.32
C GLY A 16 4.23 3.87 0.37
N CYS A 17 2.94 3.90 0.07
CA CYS A 17 2.12 2.70 0.08
C CYS A 17 2.40 1.85 -1.15
N SER A 18 3.20 0.81 -0.95
CA SER A 18 3.56 -0.10 -2.03
C SER A 18 2.74 -1.38 -1.93
N CYS A 19 2.30 -1.88 -3.07
CA CYS A 19 1.50 -3.09 -3.12
C CYS A 19 2.28 -4.28 -2.56
N LYS A 20 1.72 -4.91 -1.54
CA LYS A 20 2.33 -6.06 -0.92
C LYS A 20 1.25 -7.05 -0.51
N ASN A 21 1.19 -8.18 -1.21
CA ASN A 21 0.18 -9.21 -0.95
C ASN A 21 -1.21 -8.62 -1.21
N LYS A 22 -1.24 -7.70 -2.19
CA LYS A 22 -2.47 -6.99 -2.61
C LYS A 22 -2.83 -5.88 -1.63
N VAL A 23 -2.24 -5.93 -0.44
CA VAL A 23 -2.46 -4.91 0.57
C VAL A 23 -1.35 -3.87 0.44
N CYS A 24 -1.60 -2.64 0.82
CA CYS A 24 -0.58 -1.62 0.68
C CYS A 24 0.19 -1.38 1.99
N TYR A 25 1.52 -1.44 1.89
CA TYR A 25 2.37 -1.22 3.04
C TYR A 25 3.42 -0.18 2.68
N ARG A 26 3.91 0.49 3.69
CA ARG A 26 4.92 1.53 3.52
C ARG A 26 6.22 1.08 4.17
N ASN A 27 7.33 1.62 3.69
CA ASN A 27 8.65 1.29 4.22
C ASN A 27 8.90 -0.22 4.14
N GLY A 28 8.39 -0.84 3.09
CA GLY A 28 8.58 -2.26 2.92
C GLY A 28 7.36 -3.08 3.25
N VAL A 29 7.12 -3.31 4.54
CA VAL A 29 5.98 -4.12 4.97
C VAL A 29 5.24 -3.52 6.16
N ILE A 30 5.19 -2.20 6.23
CA ILE A 30 4.48 -1.53 7.31
C ILE A 30 3.07 -1.17 6.85
N PRO A 31 2.03 -1.76 7.45
CA PRO A 31 0.65 -1.48 7.04
C PRO A 31 0.35 0.00 7.03
N CYS A 1 -0.18 0.50 5.92
CA CYS A 1 -0.62 1.89 6.00
C CYS A 1 -2.13 2.00 5.89
N GLY A 2 -2.81 0.89 6.15
CA GLY A 2 -4.25 0.88 6.13
C GLY A 2 -4.86 0.98 4.74
N GLU A 3 -4.15 0.50 3.74
CA GLU A 3 -4.67 0.53 2.38
C GLU A 3 -4.69 -0.87 1.79
N SER A 4 -5.42 -1.02 0.71
CA SER A 4 -5.52 -2.29 0.02
C SER A 4 -5.60 -2.05 -1.48
N CYS A 5 -4.71 -2.69 -2.19
CA CYS A 5 -4.66 -2.57 -3.64
C CYS A 5 -5.29 -3.80 -4.26
N VAL A 6 -6.30 -4.30 -3.57
CA VAL A 6 -7.03 -5.47 -3.99
C VAL A 6 -7.85 -5.16 -5.25
N PHE A 7 -8.44 -3.99 -5.28
CA PHE A 7 -9.25 -3.57 -6.42
C PHE A 7 -8.57 -2.46 -7.20
N ILE A 8 -7.97 -1.52 -6.46
CA ILE A 8 -7.28 -0.40 -7.08
C ILE A 8 -5.97 -0.12 -6.35
N PRO A 9 -5.01 0.46 -7.07
CA PRO A 9 -3.68 0.79 -6.53
C PRO A 9 -3.76 1.76 -5.35
N CYS A 10 -2.80 1.62 -4.44
CA CYS A 10 -2.73 2.45 -3.24
C CYS A 10 -2.73 3.94 -3.59
N ILE A 11 -3.32 4.73 -2.71
CA ILE A 11 -3.40 6.16 -2.89
C ILE A 11 -2.19 6.86 -2.28
N SER A 12 -1.82 6.45 -1.08
CA SER A 12 -0.68 7.04 -0.39
C SER A 12 0.62 6.44 -0.91
N THR A 13 0.69 6.20 -2.21
CA THR A 13 1.88 5.68 -2.83
C THR A 13 2.98 6.74 -2.74
N LEU A 14 2.51 7.97 -2.65
CA LEU A 14 3.37 9.14 -2.53
C LEU A 14 4.17 9.08 -1.22
N LEU A 15 3.50 8.65 -0.15
CA LEU A 15 4.13 8.53 1.16
C LEU A 15 5.05 7.31 1.15
N GLY A 16 4.58 6.23 0.55
CA GLY A 16 5.37 5.02 0.47
C GLY A 16 4.54 3.76 0.51
N CYS A 17 3.22 3.90 0.31
CA CYS A 17 2.34 2.75 0.32
C CYS A 17 2.47 1.95 -0.97
N SER A 18 3.40 1.02 -0.96
CA SER A 18 3.65 0.17 -2.11
C SER A 18 2.74 -1.06 -2.04
N CYS A 19 2.13 -1.39 -3.17
CA CYS A 19 1.24 -2.55 -3.24
C CYS A 19 2.02 -3.84 -2.97
N LYS A 20 1.62 -4.56 -1.92
CA LYS A 20 2.28 -5.80 -1.57
C LYS A 20 1.26 -6.87 -1.22
N ASN A 21 1.24 -7.94 -1.99
CA ASN A 21 0.30 -9.05 -1.78
C ASN A 21 -1.13 -8.51 -1.82
N LYS A 22 -1.32 -7.51 -2.67
CA LYS A 22 -2.61 -6.83 -2.85
C LYS A 22 -3.00 -5.98 -1.63
N VAL A 23 -2.07 -5.85 -0.69
CA VAL A 23 -2.26 -5.04 0.49
C VAL A 23 -1.24 -3.91 0.45
N CYS A 24 -1.60 -2.72 0.89
CA CYS A 24 -0.68 -1.61 0.81
C CYS A 24 0.09 -1.39 2.11
N TYR A 25 1.41 -1.32 1.98
CA TYR A 25 2.29 -1.09 3.11
C TYR A 25 3.27 0.03 2.77
N ARG A 26 3.70 0.74 3.78
CA ARG A 26 4.64 1.83 3.61
C ARG A 26 5.96 1.50 4.29
N ASN A 27 7.04 2.11 3.80
CA ASN A 27 8.38 1.90 4.35
C ASN A 27 8.76 0.43 4.32
N GLY A 28 8.30 -0.28 3.30
CA GLY A 28 8.61 -1.67 3.17
C GLY A 28 7.41 -2.58 3.39
N VAL A 29 7.14 -2.92 4.64
CA VAL A 29 6.02 -3.80 4.96
C VAL A 29 5.20 -3.28 6.13
N ILE A 30 5.11 -1.97 6.28
CA ILE A 30 4.31 -1.39 7.35
C ILE A 30 2.91 -1.09 6.84
N PRO A 31 1.90 -1.83 7.30
CA PRO A 31 0.52 -1.64 6.85
C PRO A 31 0.06 -0.20 7.03
N CYS A 1 -0.18 0.34 5.78
CA CYS A 1 -0.77 1.65 5.58
C CYS A 1 -2.25 1.61 5.87
N GLY A 2 -2.81 0.41 5.78
CA GLY A 2 -4.22 0.23 5.98
C GLY A 2 -4.92 0.22 4.64
N GLU A 3 -4.13 0.50 3.62
CA GLU A 3 -4.61 0.52 2.25
C GLU A 3 -4.53 -0.87 1.63
N SER A 4 -5.22 -1.03 0.52
CA SER A 4 -5.22 -2.28 -0.21
C SER A 4 -5.40 -1.99 -1.67
N CYS A 5 -4.61 -2.64 -2.49
CA CYS A 5 -4.70 -2.44 -3.93
C CYS A 5 -5.38 -3.64 -4.55
N VAL A 6 -6.21 -4.28 -3.73
CA VAL A 6 -6.96 -5.44 -4.13
C VAL A 6 -7.79 -5.16 -5.38
N PHE A 7 -8.43 -4.00 -5.38
CA PHE A 7 -9.26 -3.60 -6.52
C PHE A 7 -8.59 -2.51 -7.33
N ILE A 8 -8.01 -1.53 -6.64
CA ILE A 8 -7.35 -0.40 -7.29
C ILE A 8 -6.14 0.06 -6.49
N PRO A 9 -5.21 0.75 -7.16
CA PRO A 9 -4.00 1.28 -6.55
C PRO A 9 -4.30 2.23 -5.39
N CYS A 10 -3.46 2.21 -4.38
CA CYS A 10 -3.63 3.03 -3.20
C CYS A 10 -3.27 4.49 -3.46
N ILE A 11 -3.77 5.36 -2.59
CA ILE A 11 -3.54 6.79 -2.71
C ILE A 11 -2.23 7.20 -2.03
N SER A 12 -1.91 6.57 -0.91
CA SER A 12 -0.69 6.89 -0.17
C SER A 12 0.54 6.30 -0.86
N THR A 13 0.47 6.18 -2.17
CA THR A 13 1.59 5.69 -2.95
C THR A 13 2.67 6.75 -2.96
N LEU A 14 2.22 7.98 -2.79
CA LEU A 14 3.07 9.15 -2.73
C LEU A 14 3.98 9.09 -1.51
N LEU A 15 3.42 8.66 -0.39
CA LEU A 15 4.17 8.54 0.85
C LEU A 15 5.15 7.37 0.74
N GLY A 16 4.67 6.28 0.18
CA GLY A 16 5.51 5.11 0.01
C GLY A 16 4.75 3.81 0.24
N CYS A 17 3.43 3.87 0.10
CA CYS A 17 2.60 2.70 0.29
C CYS A 17 2.60 1.84 -0.97
N SER A 18 3.48 0.87 -0.99
CA SER A 18 3.61 -0.03 -2.12
C SER A 18 2.68 -1.22 -1.94
N CYS A 19 2.03 -1.64 -3.01
CA CYS A 19 1.11 -2.76 -2.94
C CYS A 19 1.86 -4.08 -2.85
N LYS A 20 1.69 -4.76 -1.74
CA LYS A 20 2.29 -6.07 -1.53
C LYS A 20 1.21 -7.05 -1.12
N ASN A 21 1.14 -8.18 -1.82
CA ASN A 21 0.11 -9.20 -1.55
C ASN A 21 -1.27 -8.55 -1.65
N LYS A 22 -1.37 -7.58 -2.58
CA LYS A 22 -2.60 -6.81 -2.84
C LYS A 22 -2.95 -5.87 -1.69
N VAL A 23 -2.05 -5.77 -0.71
CA VAL A 23 -2.25 -4.87 0.43
C VAL A 23 -1.13 -3.83 0.43
N CYS A 24 -1.46 -2.59 0.72
CA CYS A 24 -0.45 -1.54 0.69
C CYS A 24 0.26 -1.34 2.03
N TYR A 25 1.60 -1.33 1.97
CA TYR A 25 2.45 -1.11 3.14
C TYR A 25 3.48 -0.05 2.81
N ARG A 26 3.92 0.65 3.84
CA ARG A 26 4.92 1.70 3.68
C ARG A 26 6.19 1.31 4.41
N ASN A 27 7.31 1.85 3.96
CA ASN A 27 8.61 1.57 4.58
C ASN A 27 8.91 0.07 4.52
N GLY A 28 8.43 -0.57 3.46
CA GLY A 28 8.67 -1.99 3.27
C GLY A 28 7.66 -2.90 3.92
N VAL A 29 7.45 -2.77 5.23
CA VAL A 29 6.52 -3.66 5.93
C VAL A 29 5.66 -2.96 6.98
N ILE A 30 5.22 -1.75 6.71
CA ILE A 30 4.37 -1.05 7.65
C ILE A 30 2.98 -0.89 7.04
N PRO A 31 1.99 -1.60 7.58
CA PRO A 31 0.62 -1.57 7.06
C PRO A 31 0.03 -0.15 7.00
N CYS A 1 -0.26 0.38 5.74
CA CYS A 1 -0.83 1.69 5.50
C CYS A 1 -2.30 1.68 5.87
N GLY A 2 -2.89 0.51 5.78
CA GLY A 2 -4.30 0.34 6.05
C GLY A 2 -5.06 0.29 4.75
N GLU A 3 -4.31 0.55 3.68
CA GLU A 3 -4.84 0.55 2.34
C GLU A 3 -4.77 -0.84 1.73
N SER A 4 -5.48 -1.03 0.63
CA SER A 4 -5.47 -2.28 -0.10
C SER A 4 -5.62 -2.00 -1.57
N CYS A 5 -4.72 -2.54 -2.36
CA CYS A 5 -4.77 -2.35 -3.79
C CYS A 5 -5.29 -3.61 -4.44
N VAL A 6 -6.20 -4.27 -3.74
CA VAL A 6 -6.81 -5.49 -4.21
C VAL A 6 -7.58 -5.23 -5.49
N PHE A 7 -8.25 -4.08 -5.55
CA PHE A 7 -9.03 -3.69 -6.72
C PHE A 7 -8.43 -2.45 -7.38
N ILE A 8 -7.99 -1.50 -6.56
CA ILE A 8 -7.41 -0.27 -7.07
C ILE A 8 -6.12 0.07 -6.34
N PRO A 9 -5.20 0.74 -7.03
CA PRO A 9 -3.89 1.14 -6.50
C PRO A 9 -3.97 2.00 -5.23
N CYS A 10 -2.91 1.92 -4.41
CA CYS A 10 -2.84 2.66 -3.16
C CYS A 10 -2.91 4.16 -3.39
N ILE A 11 -3.45 4.86 -2.42
CA ILE A 11 -3.59 6.31 -2.48
C ILE A 11 -2.35 6.98 -1.91
N SER A 12 -1.84 6.44 -0.82
CA SER A 12 -0.65 7.00 -0.17
C SER A 12 0.61 6.50 -0.87
N THR A 13 0.57 6.45 -2.19
CA THR A 13 1.70 6.04 -2.99
C THR A 13 2.75 7.13 -2.89
N LEU A 14 2.25 8.35 -2.66
CA LEU A 14 3.08 9.54 -2.51
C LEU A 14 3.98 9.41 -1.29
N LEU A 15 3.43 8.87 -0.22
CA LEU A 15 4.17 8.67 1.03
C LEU A 15 5.16 7.53 0.86
N GLY A 16 4.67 6.43 0.32
CA GLY A 16 5.52 5.28 0.09
C GLY A 16 4.78 3.96 0.23
N CYS A 17 3.47 3.98 0.06
CA CYS A 17 2.68 2.77 0.16
C CYS A 17 2.73 1.99 -1.14
N SER A 18 3.24 0.78 -1.07
CA SER A 18 3.36 -0.07 -2.24
C SER A 18 2.50 -1.33 -2.10
N CYS A 19 2.15 -1.91 -3.24
CA CYS A 19 1.33 -3.11 -3.27
C CYS A 19 2.07 -4.33 -2.72
N LYS A 20 1.73 -4.72 -1.51
CA LYS A 20 2.35 -5.88 -0.89
C LYS A 20 1.30 -6.94 -0.63
N ASN A 21 1.29 -7.97 -1.48
CA ASN A 21 0.31 -9.06 -1.38
C ASN A 21 -1.08 -8.48 -1.58
N LYS A 22 -1.13 -7.44 -2.43
CA LYS A 22 -2.36 -6.71 -2.76
C LYS A 22 -2.75 -5.74 -1.66
N VAL A 23 -2.11 -5.84 -0.51
CA VAL A 23 -2.37 -4.93 0.58
C VAL A 23 -1.33 -3.82 0.52
N CYS A 24 -1.71 -2.61 0.85
CA CYS A 24 -0.77 -1.50 0.76
C CYS A 24 0.03 -1.30 2.05
N TYR A 25 1.36 -1.36 1.91
CA TYR A 25 2.26 -1.15 3.03
C TYR A 25 3.31 -0.12 2.63
N ARG A 26 3.81 0.59 3.61
CA ARG A 26 4.83 1.59 3.38
C ARG A 26 6.10 1.20 4.10
N ASN A 27 7.24 1.72 3.65
CA ASN A 27 8.52 1.39 4.26
C ASN A 27 8.81 -0.10 4.23
N GLY A 28 8.36 -0.75 3.17
CA GLY A 28 8.61 -2.17 3.00
C GLY A 28 7.53 -3.08 3.59
N VAL A 29 7.26 -2.94 4.89
CA VAL A 29 6.25 -3.80 5.55
C VAL A 29 5.47 -3.07 6.64
N ILE A 30 5.13 -1.82 6.41
CA ILE A 30 4.36 -1.06 7.39
C ILE A 30 2.94 -0.89 6.87
N PRO A 31 1.96 -1.52 7.53
CA PRO A 31 0.56 -1.47 7.10
C PRO A 31 0.01 -0.05 6.98
N CYS A 1 -0.24 0.48 5.54
CA CYS A 1 -0.82 1.80 5.30
C CYS A 1 -2.31 1.75 5.62
N GLY A 2 -2.87 0.54 5.54
CA GLY A 2 -4.28 0.36 5.78
C GLY A 2 -5.03 0.32 4.47
N GLU A 3 -4.28 0.55 3.40
CA GLU A 3 -4.82 0.55 2.05
C GLU A 3 -4.78 -0.85 1.47
N SER A 4 -5.54 -1.05 0.41
CA SER A 4 -5.58 -2.32 -0.29
C SER A 4 -5.68 -2.02 -1.76
N CYS A 5 -4.80 -2.61 -2.54
CA CYS A 5 -4.81 -2.37 -3.98
C CYS A 5 -5.44 -3.55 -4.68
N VAL A 6 -6.37 -4.17 -3.99
CA VAL A 6 -7.09 -5.32 -4.52
C VAL A 6 -7.99 -4.89 -5.67
N PHE A 7 -8.61 -3.72 -5.53
CA PHE A 7 -9.50 -3.19 -6.56
C PHE A 7 -8.84 -2.03 -7.30
N ILE A 8 -8.16 -1.17 -6.55
CA ILE A 8 -7.49 -0.01 -7.12
C ILE A 8 -6.18 0.26 -6.41
N PRO A 9 -5.22 0.86 -7.12
CA PRO A 9 -3.89 1.19 -6.60
C PRO A 9 -3.94 2.10 -5.38
N CYS A 10 -2.94 1.98 -4.52
CA CYS A 10 -2.86 2.77 -3.30
C CYS A 10 -2.84 4.27 -3.60
N ILE A 11 -3.45 5.04 -2.73
CA ILE A 11 -3.50 6.48 -2.87
C ILE A 11 -2.33 7.10 -2.13
N SER A 12 -1.99 6.52 -0.99
CA SER A 12 -0.88 6.98 -0.16
C SER A 12 0.46 6.57 -0.76
N THR A 13 0.58 6.67 -2.07
CA THR A 13 1.82 6.36 -2.75
C THR A 13 2.87 7.37 -2.35
N LEU A 14 2.38 8.53 -1.97
CA LEU A 14 3.20 9.65 -1.51
C LEU A 14 4.00 9.24 -0.28
N LEU A 15 3.37 8.42 0.57
CA LEU A 15 4.02 7.94 1.79
C LEU A 15 4.72 6.61 1.55
N GLY A 16 5.00 6.33 0.28
CA GLY A 16 5.68 5.11 -0.10
C GLY A 16 4.84 3.85 0.05
N CYS A 17 3.53 3.97 -0.11
CA CYS A 17 2.64 2.82 -0.01
C CYS A 17 2.59 2.08 -1.35
N SER A 18 2.84 0.78 -1.31
CA SER A 18 2.86 -0.03 -2.52
C SER A 18 2.19 -1.37 -2.27
N CYS A 19 1.87 -2.07 -3.36
CA CYS A 19 1.21 -3.37 -3.28
C CYS A 19 2.13 -4.44 -2.70
N LYS A 20 1.92 -4.74 -1.43
CA LYS A 20 2.71 -5.76 -0.75
C LYS A 20 1.76 -6.75 -0.08
N ASN A 21 1.85 -8.01 -0.49
CA ASN A 21 0.99 -9.06 0.05
C ASN A 21 -0.46 -8.74 -0.29
N LYS A 22 -0.65 -8.22 -1.51
CA LYS A 22 -1.96 -7.82 -2.06
C LYS A 22 -2.66 -6.79 -1.15
N VAL A 23 -1.84 -6.02 -0.44
CA VAL A 23 -2.30 -4.98 0.47
C VAL A 23 -1.29 -3.84 0.36
N CYS A 24 -1.69 -2.62 0.65
CA CYS A 24 -0.77 -1.50 0.52
C CYS A 24 0.02 -1.25 1.80
N TYR A 25 1.35 -1.35 1.70
CA TYR A 25 2.25 -1.10 2.82
C TYR A 25 3.29 -0.08 2.40
N ARG A 26 3.81 0.61 3.38
CA ARG A 26 4.84 1.62 3.14
C ARG A 26 6.11 1.19 3.83
N ASN A 27 7.24 1.69 3.36
CA ASN A 27 8.54 1.34 3.95
C ASN A 27 8.76 -0.17 3.93
N GLY A 28 8.27 -0.81 2.89
CA GLY A 28 8.44 -2.25 2.74
C GLY A 28 7.41 -3.09 3.50
N VAL A 29 7.30 -2.89 4.80
CA VAL A 29 6.37 -3.69 5.61
C VAL A 29 5.62 -2.88 6.66
N ILE A 30 5.20 -1.67 6.30
CA ILE A 30 4.43 -0.85 7.24
C ILE A 30 3.01 -0.69 6.71
N PRO A 31 2.04 -1.37 7.33
CA PRO A 31 0.64 -1.34 6.89
C PRO A 31 0.07 0.07 6.77
N CYS A 1 -0.29 0.40 5.75
CA CYS A 1 -0.86 1.72 5.55
C CYS A 1 -2.33 1.69 5.94
N GLY A 2 -2.91 0.50 5.81
CA GLY A 2 -4.32 0.33 6.09
C GLY A 2 -5.08 0.27 4.78
N GLU A 3 -4.34 0.55 3.72
CA GLU A 3 -4.87 0.55 2.38
C GLU A 3 -4.78 -0.84 1.77
N SER A 4 -5.49 -1.04 0.68
CA SER A 4 -5.49 -2.28 -0.05
C SER A 4 -5.62 -1.98 -1.52
N CYS A 5 -4.77 -2.58 -2.31
CA CYS A 5 -4.81 -2.36 -3.74
C CYS A 5 -5.33 -3.60 -4.43
N VAL A 6 -6.21 -4.28 -3.71
CA VAL A 6 -6.82 -5.49 -4.22
C VAL A 6 -7.60 -5.21 -5.50
N PHE A 7 -8.33 -4.11 -5.48
CA PHE A 7 -9.12 -3.70 -6.65
C PHE A 7 -8.49 -2.50 -7.35
N ILE A 8 -8.01 -1.54 -6.57
CA ILE A 8 -7.39 -0.33 -7.11
C ILE A 8 -6.10 0.00 -6.37
N PRO A 9 -5.16 0.64 -7.08
CA PRO A 9 -3.85 1.03 -6.55
C PRO A 9 -3.93 1.90 -5.29
N CYS A 10 -2.87 1.82 -4.47
CA CYS A 10 -2.78 2.58 -3.22
C CYS A 10 -2.86 4.08 -3.46
N ILE A 11 -3.34 4.79 -2.46
CA ILE A 11 -3.47 6.24 -2.54
C ILE A 11 -2.24 6.91 -1.95
N SER A 12 -1.76 6.39 -0.82
CA SER A 12 -0.59 6.96 -0.17
C SER A 12 0.69 6.45 -0.83
N THR A 13 0.69 6.43 -2.16
CA THR A 13 1.85 6.02 -2.92
C THR A 13 2.94 7.07 -2.74
N LEU A 14 2.47 8.28 -2.45
CA LEU A 14 3.33 9.43 -2.21
C LEU A 14 4.20 9.20 -0.99
N LEU A 15 3.59 8.62 0.05
CA LEU A 15 4.30 8.33 1.29
C LEU A 15 5.24 7.15 1.08
N GLY A 16 4.72 6.13 0.39
CA GLY A 16 5.53 4.96 0.11
C GLY A 16 4.74 3.67 0.24
N CYS A 17 3.43 3.75 0.05
CA CYS A 17 2.58 2.58 0.14
C CYS A 17 2.59 1.81 -1.18
N SER A 18 3.02 0.56 -1.13
CA SER A 18 3.11 -0.27 -2.31
C SER A 18 2.19 -1.49 -2.21
N CYS A 19 1.94 -2.11 -3.36
CA CYS A 19 1.09 -3.29 -3.46
C CYS A 19 1.73 -4.54 -2.89
N LYS A 20 1.82 -4.64 -1.59
CA LYS A 20 2.39 -5.82 -0.96
C LYS A 20 1.31 -6.86 -0.73
N ASN A 21 1.31 -7.88 -1.58
CA ASN A 21 0.31 -8.95 -1.52
C ASN A 21 -1.08 -8.36 -1.71
N LYS A 22 -1.13 -7.32 -2.53
CA LYS A 22 -2.37 -6.58 -2.82
C LYS A 22 -2.80 -5.70 -1.66
N VAL A 23 -2.00 -5.68 -0.60
CA VAL A 23 -2.26 -4.85 0.54
C VAL A 23 -1.24 -3.74 0.54
N CYS A 24 -1.64 -2.54 0.86
CA CYS A 24 -0.73 -1.41 0.81
C CYS A 24 0.06 -1.22 2.12
N TYR A 25 1.39 -1.27 1.98
CA TYR A 25 2.30 -1.06 3.10
C TYR A 25 3.29 0.01 2.70
N ARG A 26 3.77 0.75 3.68
CA ARG A 26 4.74 1.81 3.46
C ARG A 26 6.05 1.47 4.15
N ASN A 27 7.14 2.02 3.61
CA ASN A 27 8.47 1.80 4.16
C ASN A 27 8.83 0.31 4.17
N GLY A 28 8.39 -0.40 3.14
CA GLY A 28 8.70 -1.81 3.03
C GLY A 28 7.59 -2.74 3.49
N VAL A 29 7.22 -2.67 4.76
CA VAL A 29 6.19 -3.57 5.27
C VAL A 29 5.39 -2.95 6.44
N ILE A 30 5.14 -1.65 6.36
CA ILE A 30 4.35 -0.98 7.39
C ILE A 30 2.93 -0.83 6.87
N PRO A 31 1.95 -1.53 7.47
CA PRO A 31 0.56 -1.48 7.03
C PRO A 31 -0.01 -0.07 6.98
N CYS A 1 0.18 0.45 5.84
CA CYS A 1 -0.13 1.87 5.91
C CYS A 1 -1.63 2.09 6.02
N GLY A 2 -2.40 1.05 5.76
CA GLY A 2 -3.84 1.16 5.83
C GLY A 2 -4.49 1.07 4.48
N GLU A 3 -3.67 1.18 3.44
CA GLU A 3 -4.15 1.10 2.07
C GLU A 3 -4.29 -0.33 1.60
N SER A 4 -5.09 -0.52 0.57
CA SER A 4 -5.31 -1.81 -0.02
C SER A 4 -5.38 -1.66 -1.52
N CYS A 5 -4.71 -2.54 -2.21
CA CYS A 5 -4.68 -2.52 -3.66
C CYS A 5 -5.32 -3.79 -4.17
N VAL A 6 -6.31 -4.24 -3.42
CA VAL A 6 -7.05 -5.45 -3.75
C VAL A 6 -7.81 -5.29 -5.06
N PHE A 7 -8.38 -4.12 -5.27
CA PHE A 7 -9.15 -3.83 -6.48
C PHE A 7 -8.47 -2.75 -7.31
N ILE A 8 -7.93 -1.76 -6.63
CA ILE A 8 -7.27 -0.65 -7.28
C ILE A 8 -5.98 -0.30 -6.57
N PRO A 9 -5.02 0.28 -7.30
CA PRO A 9 -3.73 0.68 -6.77
C PRO A 9 -3.84 1.67 -5.63
N CYS A 10 -2.88 1.60 -4.70
CA CYS A 10 -2.87 2.47 -3.54
C CYS A 10 -2.87 3.94 -3.93
N ILE A 11 -3.56 4.75 -3.14
CA ILE A 11 -3.64 6.18 -3.39
C ILE A 11 -2.49 6.88 -2.67
N SER A 12 -2.24 6.44 -1.43
CA SER A 12 -1.18 7.00 -0.61
C SER A 12 0.20 6.48 -1.05
N THR A 13 0.38 6.36 -2.36
CA THR A 13 1.65 5.93 -2.90
C THR A 13 2.67 7.04 -2.67
N LEU A 14 2.13 8.25 -2.51
CA LEU A 14 2.91 9.44 -2.25
C LEU A 14 3.65 9.30 -0.92
N LEU A 15 2.96 8.76 0.08
CA LEU A 15 3.53 8.56 1.41
C LEU A 15 4.53 7.41 1.35
N GLY A 16 4.17 6.38 0.60
CA GLY A 16 5.04 5.23 0.45
C GLY A 16 4.29 3.92 0.53
N CYS A 17 3.00 3.97 0.23
CA CYS A 17 2.17 2.76 0.26
C CYS A 17 2.44 1.90 -0.98
N SER A 18 3.28 0.89 -0.80
CA SER A 18 3.63 -0.02 -1.87
C SER A 18 2.64 -1.18 -1.91
N CYS A 19 2.15 -1.50 -3.09
CA CYS A 19 1.19 -2.57 -3.27
C CYS A 19 1.87 -3.93 -3.13
N LYS A 20 1.45 -4.70 -2.13
CA LYS A 20 2.01 -6.02 -1.90
C LYS A 20 0.94 -7.01 -1.44
N ASN A 21 0.75 -8.04 -2.25
CA ASN A 21 -0.25 -9.08 -1.98
C ASN A 21 -1.63 -8.45 -1.81
N LYS A 22 -1.89 -7.41 -2.60
CA LYS A 22 -3.16 -6.67 -2.59
C LYS A 22 -3.28 -5.73 -1.39
N VAL A 23 -2.26 -5.69 -0.56
CA VAL A 23 -2.25 -4.82 0.60
C VAL A 23 -1.12 -3.82 0.47
N CYS A 24 -1.37 -2.57 0.79
CA CYS A 24 -0.34 -1.57 0.67
C CYS A 24 0.40 -1.33 1.99
N TYR A 25 1.72 -1.39 1.94
CA TYR A 25 2.55 -1.18 3.13
C TYR A 25 3.52 -0.04 2.87
N ARG A 26 4.10 0.49 3.93
CA ARG A 26 5.05 1.57 3.84
C ARG A 26 6.27 1.25 4.67
N ASN A 27 7.40 1.84 4.32
CA ASN A 27 8.66 1.62 5.03
C ASN A 27 9.10 0.16 4.96
N GLY A 28 8.75 -0.50 3.86
CA GLY A 28 9.13 -1.89 3.68
C GLY A 28 7.97 -2.87 3.77
N VAL A 29 7.46 -3.07 4.96
CA VAL A 29 6.35 -4.01 5.15
C VAL A 29 5.45 -3.58 6.31
N ILE A 30 5.27 -2.28 6.46
CA ILE A 30 4.41 -1.74 7.50
C ILE A 30 3.07 -1.36 6.91
N PRO A 31 1.98 -2.04 7.29
CA PRO A 31 0.64 -1.74 6.76
C PRO A 31 0.30 -0.27 6.95
N CYS A 1 -0.31 0.64 5.89
CA CYS A 1 -0.85 2.00 5.91
C CYS A 1 -2.37 1.97 5.82
N GLY A 2 -2.95 0.82 6.14
CA GLY A 2 -4.39 0.67 6.14
C GLY A 2 -4.99 0.79 4.76
N GLU A 3 -4.23 0.38 3.75
CA GLU A 3 -4.70 0.44 2.37
C GLU A 3 -4.62 -0.94 1.73
N SER A 4 -5.28 -1.08 0.59
CA SER A 4 -5.28 -2.32 -0.16
C SER A 4 -5.43 -1.99 -1.62
N CYS A 5 -4.62 -2.62 -2.43
CA CYS A 5 -4.67 -2.38 -3.86
C CYS A 5 -5.27 -3.59 -4.54
N VAL A 6 -6.15 -4.22 -3.81
CA VAL A 6 -6.85 -5.40 -4.31
C VAL A 6 -7.67 -5.04 -5.54
N PHE A 7 -8.38 -3.92 -5.46
CA PHE A 7 -9.20 -3.45 -6.56
C PHE A 7 -8.54 -2.29 -7.28
N ILE A 8 -8.00 -1.35 -6.52
CA ILE A 8 -7.35 -0.17 -7.07
C ILE A 8 -6.04 0.12 -6.35
N PRO A 9 -5.12 0.79 -7.06
CA PRO A 9 -3.78 1.16 -6.54
C PRO A 9 -3.85 1.96 -5.24
N CYS A 10 -2.78 1.86 -4.46
CA CYS A 10 -2.66 2.55 -3.17
C CYS A 10 -2.80 4.06 -3.34
N ILE A 11 -3.33 4.70 -2.31
CA ILE A 11 -3.52 6.14 -2.30
C ILE A 11 -2.27 6.81 -1.74
N SER A 12 -1.78 6.29 -0.62
CA SER A 12 -0.59 6.83 0.02
C SER A 12 0.67 6.35 -0.70
N THR A 13 0.61 6.35 -2.01
CA THR A 13 1.75 5.96 -2.83
C THR A 13 2.81 7.03 -2.70
N LEU A 14 2.34 8.23 -2.39
CA LEU A 14 3.17 9.40 -2.19
C LEU A 14 4.11 9.18 -1.00
N LEU A 15 3.57 8.57 0.05
CA LEU A 15 4.35 8.28 1.25
C LEU A 15 5.27 7.10 0.97
N GLY A 16 4.70 6.06 0.37
CA GLY A 16 5.48 4.88 0.04
C GLY A 16 4.70 3.60 0.16
N CYS A 17 3.39 3.67 0.00
CA CYS A 17 2.55 2.47 0.08
C CYS A 17 2.61 1.71 -1.24
N SER A 18 3.05 0.47 -1.16
CA SER A 18 3.18 -0.38 -2.33
C SER A 18 2.31 -1.62 -2.23
N CYS A 19 2.02 -2.22 -3.38
CA CYS A 19 1.19 -3.42 -3.46
C CYS A 19 1.90 -4.64 -2.85
N LYS A 20 1.80 -4.79 -1.54
CA LYS A 20 2.41 -5.92 -0.87
C LYS A 20 1.38 -7.01 -0.67
N ASN A 21 1.41 -7.99 -1.58
CA ASN A 21 0.47 -9.11 -1.56
C ASN A 21 -0.95 -8.56 -1.72
N LYS A 22 -1.03 -7.48 -2.50
CA LYS A 22 -2.28 -6.78 -2.79
C LYS A 22 -2.68 -5.82 -1.68
N VAL A 23 -2.01 -5.89 -0.55
CA VAL A 23 -2.29 -4.98 0.55
C VAL A 23 -1.26 -3.87 0.51
N CYS A 24 -1.65 -2.65 0.80
CA CYS A 24 -0.73 -1.53 0.72
C CYS A 24 0.00 -1.28 2.04
N TYR A 25 1.32 -1.31 1.95
CA TYR A 25 2.19 -1.03 3.09
C TYR A 25 3.18 0.03 2.68
N ARG A 26 3.63 0.80 3.64
CA ARG A 26 4.58 1.86 3.39
C ARG A 26 5.90 1.53 4.05
N ASN A 27 6.98 2.07 3.50
CA ASN A 27 8.33 1.85 4.03
C ASN A 27 8.69 0.36 4.01
N GLY A 28 8.19 -0.34 3.01
CA GLY A 28 8.50 -1.76 2.88
C GLY A 28 7.42 -2.68 3.40
N VAL A 29 7.17 -2.65 4.71
CA VAL A 29 6.18 -3.54 5.31
C VAL A 29 5.37 -2.89 6.43
N ILE A 30 5.10 -1.60 6.33
CA ILE A 30 4.30 -0.93 7.35
C ILE A 30 2.89 -0.74 6.83
N PRO A 31 1.92 -1.49 7.36
CA PRO A 31 0.53 -1.40 6.92
C PRO A 31 -0.02 0.02 7.03
N CYS A 1 -0.28 0.29 5.76
CA CYS A 1 -0.91 1.59 5.55
C CYS A 1 -2.40 1.48 5.82
N GLY A 2 -2.90 0.26 5.72
CA GLY A 2 -4.31 0.02 5.89
C GLY A 2 -4.99 0.01 4.53
N GLU A 3 -4.19 0.33 3.52
CA GLU A 3 -4.66 0.36 2.15
C GLU A 3 -4.53 -1.02 1.51
N SER A 4 -5.27 -1.22 0.45
CA SER A 4 -5.24 -2.47 -0.29
C SER A 4 -5.41 -2.17 -1.75
N CYS A 5 -4.57 -2.77 -2.57
CA CYS A 5 -4.64 -2.55 -4.00
C CYS A 5 -5.40 -3.68 -4.67
N VAL A 6 -6.28 -4.28 -3.88
CA VAL A 6 -7.11 -5.38 -4.35
C VAL A 6 -8.01 -4.97 -5.51
N PHE A 7 -8.56 -3.77 -5.43
CA PHE A 7 -9.43 -3.27 -6.47
C PHE A 7 -8.77 -2.19 -7.30
N ILE A 8 -8.07 -1.30 -6.62
CA ILE A 8 -7.39 -0.17 -7.27
C ILE A 8 -6.15 0.22 -6.49
N PRO A 9 -5.22 0.92 -7.16
CA PRO A 9 -3.98 1.39 -6.56
C PRO A 9 -4.25 2.31 -5.38
N CYS A 10 -3.41 2.21 -4.37
CA CYS A 10 -3.55 3.00 -3.15
C CYS A 10 -3.22 4.48 -3.36
N ILE A 11 -3.68 5.30 -2.44
CA ILE A 11 -3.49 6.74 -2.51
C ILE A 11 -2.17 7.19 -1.89
N SER A 12 -1.79 6.60 -0.77
CA SER A 12 -0.54 6.98 -0.10
C SER A 12 0.67 6.35 -0.78
N THR A 13 0.59 6.24 -2.09
CA THR A 13 1.68 5.72 -2.88
C THR A 13 2.81 6.73 -2.87
N LEU A 14 2.41 7.98 -2.65
CA LEU A 14 3.32 9.11 -2.58
C LEU A 14 4.26 8.97 -1.39
N LEU A 15 3.71 8.55 -0.25
CA LEU A 15 4.50 8.36 0.96
C LEU A 15 5.38 7.13 0.80
N GLY A 16 4.81 6.08 0.24
CA GLY A 16 5.56 4.87 0.02
C GLY A 16 4.73 3.62 0.22
N CYS A 17 3.41 3.75 0.15
CA CYS A 17 2.52 2.62 0.32
C CYS A 17 2.48 1.78 -0.96
N SER A 18 3.46 0.90 -1.08
CA SER A 18 3.56 0.03 -2.22
C SER A 18 2.72 -1.22 -2.00
N CYS A 19 1.98 -1.63 -3.01
CA CYS A 19 1.12 -2.79 -2.88
C CYS A 19 1.96 -4.07 -2.76
N LYS A 20 1.66 -4.85 -1.73
CA LYS A 20 2.34 -6.10 -1.49
C LYS A 20 1.35 -7.08 -0.91
N ASN A 21 1.28 -8.29 -1.48
CA ASN A 21 0.33 -9.30 -1.01
C ASN A 21 -1.08 -8.71 -1.10
N LYS A 22 -1.32 -7.95 -2.19
CA LYS A 22 -2.59 -7.26 -2.50
C LYS A 22 -2.97 -6.23 -1.41
N VAL A 23 -2.02 -5.93 -0.54
CA VAL A 23 -2.24 -4.96 0.52
C VAL A 23 -1.13 -3.92 0.49
N CYS A 24 -1.45 -2.68 0.74
CA CYS A 24 -0.45 -1.62 0.67
C CYS A 24 0.27 -1.40 2.00
N TYR A 25 1.60 -1.33 1.92
CA TYR A 25 2.45 -1.08 3.08
C TYR A 25 3.46 -0.01 2.72
N ARG A 26 3.80 0.81 3.68
CA ARG A 26 4.76 1.88 3.50
C ARG A 26 6.04 1.57 4.25
N ASN A 27 7.13 2.20 3.81
CA ASN A 27 8.43 2.03 4.44
C ASN A 27 8.86 0.55 4.45
N GLY A 28 8.42 -0.18 3.44
CA GLY A 28 8.77 -1.58 3.35
C GLY A 28 7.63 -2.52 3.67
N VAL A 29 7.31 -2.64 4.96
CA VAL A 29 6.24 -3.53 5.38
C VAL A 29 5.36 -2.93 6.48
N ILE A 30 5.19 -1.62 6.47
CA ILE A 30 4.34 -0.97 7.46
C ILE A 30 2.92 -0.86 6.90
N PRO A 31 1.97 -1.57 7.50
CA PRO A 31 0.58 -1.58 7.04
C PRO A 31 -0.05 -0.19 6.98
#